data_3NZA
#
_entry.id   3NZA
#
_cell.length_a   36.959
_cell.length_b   42.679
_cell.length_c   60.609
_cell.angle_alpha   90.00
_cell.angle_beta   94.57
_cell.angle_gamma   90.00
#
_symmetry.space_group_name_H-M   'P 1 21 1'
#
loop_
_entity.id
_entity.type
_entity.pdbx_description
1 polymer 'Dihydrofolate reductase'
2 non-polymer 'NADPH DIHYDRO-NICOTINAMIDE-ADENINE-DINUCLEOTIDE PHOSPHATE'
3 non-polymer 'ethyl 4-{3-[(2,4-diamino-5-methylpyrido[2,3-d]pyrimidin-6-yl)methyl]-4-methoxyphenoxy}butanoate'
4 non-polymer 'CHLORIDE ION'
5 water water
#
_entity_poly.entity_id   1
_entity_poly.type   'polypeptide(L)'
_entity_poly.pdbx_seq_one_letter_code
;MNQQKSLTLIVALTTSYGIGRSNSLPWKLKKEISYFKRVTSFVPTFDSFESMNVVLMGRKTWESIPLQFRPLKGRINVVI
TRNESLDLGNGIHSAKSLDHALELLYRTYGSESSVQINRIFVIGGAQLYKAAMDHPKLDRIMATIIYKDIHCDVFFPLKF
RDKEWSSVWKKEKHSDLESWVGTKVPHGKINEDGFDYEFEMWTRDL
;
_entity_poly.pdbx_strand_id   X
#
loop_
_chem_comp.id
_chem_comp.type
_chem_comp.name
_chem_comp.formula
CL non-polymer 'CHLORIDE ION' 'Cl -1'
D2K non-polymer 'ethyl 4-{3-[(2,4-diamino-5-methylpyrido[2,3-d]pyrimidin-6-yl)methyl]-4-methoxyphenoxy}butanoate' 'C22 H27 N5 O4'
NDP non-polymer 'NADPH DIHYDRO-NICOTINAMIDE-ADENINE-DINUCLEOTIDE PHOSPHATE' 'C21 H30 N7 O17 P3'
#
# COMPACT_ATOMS: atom_id res chain seq x y z
N MET A 1 14.21 10.85 15.43
CA MET A 1 14.31 9.36 15.29
C MET A 1 12.96 8.66 14.99
N ASN A 2 12.40 8.93 13.81
CA ASN A 2 11.10 8.34 13.45
C ASN A 2 10.81 8.64 11.99
N GLN A 3 11.20 9.82 11.56
CA GLN A 3 10.95 10.25 10.20
C GLN A 3 12.15 9.95 9.29
N GLN A 4 12.57 8.74 9.47
CA GLN A 4 13.63 8.38 8.57
C GLN A 4 13.03 7.97 7.22
N LYS A 5 12.25 6.89 7.21
CA LYS A 5 11.98 6.21 5.94
C LYS A 5 10.78 6.90 5.29
N SER A 6 10.86 7.01 3.96
CA SER A 6 9.69 7.36 3.14
C SER A 6 8.59 6.31 3.25
N LEU A 7 7.37 6.75 2.94
CA LEU A 7 6.25 5.83 2.86
C LEU A 7 5.87 5.66 1.37
N THR A 8 5.22 4.50 1.08
CA THR A 8 4.73 4.19 -0.26
C THR A 8 3.29 3.74 -0.12
N LEU A 9 2.42 4.32 -0.93
CA LEU A 9 1.03 3.97 -0.92
C LEU A 9 0.87 3.01 -2.10
N ILE A 10 0.15 1.92 -1.90
CA ILE A 10 -0.23 1.03 -3.02
C ILE A 10 -1.77 0.85 -3.12
N VAL A 11 -2.32 0.92 -4.33
CA VAL A 11 -3.77 1.05 -4.51
C VAL A 11 -4.15 0.66 -5.95
N ALA A 12 -5.33 0.06 -6.12
CA ALA A 12 -5.91 -0.27 -7.39
C ALA A 12 -7.13 0.63 -7.40
N LEU A 13 -7.31 1.43 -8.44
CA LEU A 13 -8.41 2.40 -8.48
C LEU A 13 -8.93 2.59 -9.91
N THR A 14 -10.14 3.12 -10.05
CA THR A 14 -10.72 3.31 -11.39
C THR A 14 -10.31 4.66 -11.91
N THR A 15 -10.60 4.94 -13.18
CA THR A 15 -10.37 6.28 -13.71
C THR A 15 -11.19 7.37 -13.00
N SER A 16 -12.23 6.96 -12.26
CA SER A 16 -13.03 7.86 -11.43
C SER A 16 -12.61 7.87 -10.01
N TYR A 17 -11.48 7.17 -9.74
CA TYR A 17 -10.86 7.13 -8.41
C TYR A 17 -11.59 6.21 -7.47
N GLY A 18 -12.51 5.42 -8.01
CA GLY A 18 -13.18 4.39 -7.19
C GLY A 18 -12.25 3.32 -6.64
N ILE A 19 -12.34 2.99 -5.34
CA ILE A 19 -11.45 1.92 -4.81
C ILE A 19 -12.20 0.77 -4.08
N GLY A 20 -13.48 0.93 -3.80
CA GLY A 20 -14.12 -0.13 -3.03
C GLY A 20 -15.63 0.02 -3.14
N ARG A 21 -16.36 -1.00 -2.69
CA ARG A 21 -17.81 -0.89 -2.67
C ARG A 21 -18.32 -1.27 -1.26
N SER A 22 -19.36 -2.06 -1.24
CA SER A 22 -19.91 -2.60 -0.03
C SER A 22 -18.89 -3.45 0.62
N ASN A 23 -18.01 -2.84 1.43
CA ASN A 23 -16.73 -3.33 2.01
C ASN A 23 -15.80 -4.37 1.38
N SER A 24 -15.69 -4.35 0.08
CA SER A 24 -14.80 -5.23 -0.61
C SER A 24 -14.32 -4.55 -1.86
N LEU A 25 -13.60 -5.28 -2.69
CA LEU A 25 -13.15 -4.75 -3.97
C LEU A 25 -14.21 -5.01 -5.01
N PRO A 26 -14.46 -4.04 -5.89
CA PRO A 26 -15.50 -4.30 -6.84
C PRO A 26 -15.06 -5.04 -8.09
N TRP A 27 -13.95 -5.78 -8.02
CA TRP A 27 -13.45 -6.57 -9.12
C TRP A 27 -12.74 -7.80 -8.54
N LYS A 28 -12.52 -8.82 -9.37
CA LYS A 28 -11.71 -10.02 -9.03
C LYS A 28 -10.56 -10.13 -10.03
N LEU A 29 -9.35 -9.72 -9.63
CA LEU A 29 -8.20 -9.63 -10.50
C LEU A 29 -7.04 -10.38 -9.85
N LYS A 30 -6.95 -11.65 -10.18
CA LYS A 30 -6.10 -12.53 -9.46
C LYS A 30 -4.65 -12.14 -9.74
N LYS A 31 -4.36 -11.73 -10.97
CA LYS A 31 -3.02 -11.28 -11.31
C LYS A 31 -2.68 -9.92 -10.67
N GLU A 32 -3.65 -9.05 -10.53
CA GLU A 32 -3.47 -7.76 -9.86
C GLU A 32 -3.10 -8.00 -8.39
N ILE A 33 -3.92 -8.78 -7.68
CA ILE A 33 -3.48 -9.24 -6.33
C ILE A 33 -2.06 -9.81 -6.29
N SER A 34 -1.74 -10.61 -7.29
CA SER A 34 -0.38 -11.22 -7.36
C SER A 34 0.72 -10.13 -7.43
N TYR A 35 0.43 -9.05 -8.17
CA TYR A 35 1.39 -7.92 -8.28
C TYR A 35 1.46 -7.21 -6.87
N PHE A 36 0.29 -6.99 -6.27
CA PHE A 36 0.23 -6.42 -4.91
C PHE A 36 1.15 -7.23 -3.97
N LYS A 37 0.95 -8.55 -3.93
CA LYS A 37 1.79 -9.42 -3.10
C LYS A 37 3.30 -9.27 -3.46
N ARG A 38 3.65 -9.38 -4.73
CA ARG A 38 5.06 -9.22 -5.14
C ARG A 38 5.69 -7.86 -4.72
N VAL A 39 4.99 -6.77 -5.01
CA VAL A 39 5.50 -5.46 -4.65
C VAL A 39 5.63 -5.36 -3.15
N THR A 40 4.56 -5.68 -2.42
CA THR A 40 4.61 -5.46 -0.94
C THR A 40 5.61 -6.39 -0.24
N SER A 41 6.00 -7.50 -0.91
CA SER A 41 6.91 -8.51 -0.31
C SER A 41 8.34 -8.36 -0.72
N PHE A 42 8.61 -7.71 -1.86
CA PHE A 42 9.95 -7.72 -2.44
C PHE A 42 10.91 -7.04 -1.52
N VAL A 43 11.99 -7.74 -1.22
CA VAL A 43 13.11 -7.17 -0.51
C VAL A 43 14.39 -7.58 -1.27
N PRO A 44 15.30 -6.62 -1.58
CA PRO A 44 16.53 -7.03 -2.28
C PRO A 44 17.24 -8.20 -1.58
N THR A 45 17.92 -8.99 -2.40
CA THR A 45 18.48 -10.28 -1.95
C THR A 45 19.50 -10.12 -0.77
N PHE A 46 20.50 -9.26 -0.91
CA PHE A 46 21.48 -9.12 0.17
C PHE A 46 20.81 -8.82 1.54
N ASP A 47 19.78 -7.95 1.48
CA ASP A 47 18.99 -7.47 2.64
C ASP A 47 17.95 -8.50 3.15
N SER A 48 17.58 -9.46 2.29
CA SER A 48 16.44 -10.37 2.55
C SER A 48 16.76 -11.48 3.56
N PHE A 49 18.04 -11.52 3.92
CA PHE A 49 18.53 -12.37 4.99
C PHE A 49 17.82 -12.03 6.29
N GLU A 50 17.75 -10.72 6.59
CA GLU A 50 17.23 -10.21 7.86
C GLU A 50 16.13 -9.10 7.78
N SER A 51 15.72 -8.70 6.58
CA SER A 51 14.81 -7.54 6.37
C SER A 51 13.41 -7.92 5.89
N MET A 52 12.37 -7.25 6.41
CA MET A 52 10.96 -7.48 5.98
C MET A 52 10.32 -6.11 5.63
N ASN A 53 9.33 -6.09 4.74
CA ASN A 53 8.54 -4.84 4.56
C ASN A 53 7.34 -4.85 5.50
N VAL A 54 6.72 -3.68 5.66
CA VAL A 54 5.62 -3.48 6.55
C VAL A 54 4.39 -3.10 5.71
N VAL A 55 3.26 -3.66 6.05
CA VAL A 55 2.03 -3.20 5.46
C VAL A 55 1.19 -2.50 6.53
N LEU A 56 0.85 -1.22 6.31
CA LEU A 56 -0.06 -0.51 7.18
C LEU A 56 -1.45 -0.46 6.58
N MET A 57 -2.50 -0.75 7.38
CA MET A 57 -3.85 -0.74 6.85
C MET A 57 -4.88 -0.27 7.87
N GLY A 58 -5.99 0.25 7.39
CA GLY A 58 -7.13 0.56 8.24
C GLY A 58 -7.76 -0.73 8.75
N ARG A 59 -8.52 -0.56 9.82
CA ARG A 59 -9.26 -1.63 10.40
C ARG A 59 -10.30 -2.15 9.40
N LYS A 60 -11.10 -1.28 8.80
CA LYS A 60 -12.07 -1.71 7.73
C LYS A 60 -11.37 -2.56 6.65
N THR A 61 -10.14 -2.20 6.26
CA THR A 61 -9.30 -3.04 5.33
C THR A 61 -8.78 -4.37 5.85
N TRP A 62 -8.31 -4.42 7.09
CA TRP A 62 -7.94 -5.69 7.72
C TRP A 62 -9.19 -6.63 7.72
N GLU A 63 -10.38 -6.08 7.95
CA GLU A 63 -11.61 -6.87 8.03
C GLU A 63 -12.06 -7.33 6.65
N SER A 64 -11.82 -6.50 5.64
CA SER A 64 -12.23 -6.77 4.25
C SER A 64 -11.38 -7.83 3.61
N ILE A 65 -10.23 -8.14 4.17
CA ILE A 65 -9.42 -9.20 3.59
C ILE A 65 -10.02 -10.54 4.07
N PRO A 66 -10.16 -11.52 3.17
CA PRO A 66 -10.71 -12.80 3.62
C PRO A 66 -9.86 -13.31 4.76
N LEU A 67 -10.52 -13.80 5.81
CA LEU A 67 -9.83 -14.33 6.99
C LEU A 67 -8.65 -15.25 6.62
N GLN A 68 -8.77 -16.04 5.57
CA GLN A 68 -7.66 -16.94 5.20
C GLN A 68 -6.35 -16.28 4.75
N PHE A 69 -6.40 -14.99 4.40
CA PHE A 69 -5.22 -14.29 3.91
C PHE A 69 -4.53 -13.37 4.95
N ARG A 70 -5.12 -13.29 6.15
CA ARG A 70 -4.59 -12.50 7.27
C ARG A 70 -3.89 -13.32 8.36
N PRO A 71 -2.80 -12.76 8.95
CA PRO A 71 -2.11 -11.52 8.56
C PRO A 71 -1.55 -11.69 7.16
N LEU A 72 -1.46 -10.61 6.38
CA LEU A 72 -0.80 -10.74 5.08
C LEU A 72 0.55 -11.35 5.32
N LYS A 73 0.70 -12.54 4.75
CA LYS A 73 1.87 -13.38 5.01
C LYS A 73 3.24 -12.84 4.65
N GLY A 74 4.20 -13.02 5.55
CA GLY A 74 5.60 -12.61 5.25
C GLY A 74 5.88 -11.10 5.29
N ARG A 75 4.88 -10.33 5.73
CA ARG A 75 5.02 -8.90 5.95
C ARG A 75 4.53 -8.59 7.36
N ILE A 76 5.15 -7.57 7.93
CA ILE A 76 4.74 -7.09 9.28
C ILE A 76 3.50 -6.29 9.07
N ASN A 77 2.39 -6.74 9.65
CA ASN A 77 1.10 -6.11 9.48
C ASN A 77 0.85 -5.19 10.67
N VAL A 78 0.42 -3.96 10.40
CA VAL A 78 -0.03 -3.10 11.47
C VAL A 78 -1.39 -2.58 11.10
N VAL A 79 -2.39 -2.77 11.96
CA VAL A 79 -3.69 -2.21 11.73
C VAL A 79 -3.80 -0.95 12.55
N ILE A 80 -4.30 0.10 11.89
CA ILE A 80 -4.43 1.44 12.43
C ILE A 80 -5.89 1.62 12.87
N THR A 81 -6.11 1.80 14.16
CA THR A 81 -7.48 1.91 14.67
C THR A 81 -7.47 2.84 15.90
N ARG A 82 -8.26 3.91 15.83
CA ARG A 82 -8.40 4.93 16.89
C ARG A 82 -8.99 4.37 18.21
N ASN A 83 -8.80 3.07 18.46
CA ASN A 83 -9.63 2.34 19.41
C ASN A 83 -9.01 1.00 19.72
N GLU A 84 -7.91 1.10 20.48
CA GLU A 84 -6.94 0.05 20.80
C GLU A 84 -7.45 -0.76 21.98
N SER A 85 -8.13 -1.86 21.65
CA SER A 85 -9.04 -2.71 22.46
C SER A 85 -8.86 -4.28 22.45
N LEU A 86 -9.92 -5.02 22.12
CA LEU A 86 -9.88 -6.50 22.17
C LEU A 86 -9.61 -7.23 20.86
N ASP A 87 -9.90 -6.61 19.72
CA ASP A 87 -9.56 -7.25 18.46
C ASP A 87 -8.36 -8.13 18.75
N LEU A 88 -8.26 -9.25 18.05
CA LEU A 88 -7.24 -10.26 18.38
C LEU A 88 -5.97 -10.10 17.57
N GLY A 89 -5.00 -12.11 18.08
CA GLY A 89 -4.39 -12.10 16.76
C GLY A 89 -2.99 -12.67 16.85
N ASN A 90 -2.66 -13.58 15.93
CA ASN A 90 -1.46 -14.46 16.05
C ASN A 90 -0.09 -13.79 16.33
N GLY A 91 -0.01 -12.47 16.16
CA GLY A 91 1.09 -11.64 16.63
C GLY A 91 0.90 -10.18 16.22
N ILE A 92 -0.36 -9.71 16.24
CA ILE A 92 -0.82 -8.57 15.37
C ILE A 92 -0.91 -7.09 15.85
N HIS A 93 0.06 -6.31 15.37
CA HIS A 93 0.23 -4.90 15.68
C HIS A 93 -0.93 -4.00 15.38
N SER A 94 -1.19 -3.17 16.39
CA SER A 94 -2.22 -2.19 16.49
C SER A 94 -1.57 -0.82 16.78
N ALA A 95 -1.90 0.20 15.99
CA ALA A 95 -1.63 1.61 16.36
C ALA A 95 -2.77 2.54 16.13
N LYS A 96 -2.77 3.63 16.87
CA LYS A 96 -3.90 4.55 16.76
C LYS A 96 -3.76 5.61 15.68
N SER A 97 -2.56 5.69 15.09
CA SER A 97 -2.34 6.59 13.96
C SER A 97 -1.16 6.14 13.14
N LEU A 98 -0.98 6.81 12.01
CA LEU A 98 0.08 6.47 11.12
C LEU A 98 1.38 6.75 11.83
N ASP A 99 1.50 7.91 12.49
CA ASP A 99 2.75 8.19 13.23
C ASP A 99 2.99 7.31 14.44
N HIS A 100 1.91 6.91 15.12
CA HIS A 100 2.03 5.98 16.24
C HIS A 100 2.44 4.62 15.73
N ALA A 101 1.93 4.24 14.58
CA ALA A 101 2.45 3.07 13.87
C ALA A 101 3.96 3.09 13.61
N LEU A 102 4.45 4.19 13.03
CA LEU A 102 5.88 4.31 12.80
C LEU A 102 6.69 4.24 14.08
N GLU A 103 6.31 5.01 15.11
CA GLU A 103 6.97 4.87 16.41
C GLU A 103 6.95 3.41 16.96
N LEU A 104 5.81 2.71 16.90
CA LEU A 104 5.78 1.32 17.37
C LEU A 104 6.80 0.47 16.58
N LEU A 105 6.86 0.68 15.26
CA LEU A 105 7.74 -0.16 14.42
C LEU A 105 9.18 0.18 14.74
N TYR A 106 9.51 1.44 14.86
CA TYR A 106 10.93 1.73 15.12
C TYR A 106 11.38 1.28 16.52
N ARG A 107 10.44 1.24 17.46
N ARG A 107 10.45 1.24 17.47
CA ARG A 107 10.66 0.75 18.82
CA ARG A 107 10.70 0.74 18.83
C ARG A 107 10.83 -0.76 18.83
C ARG A 107 10.82 -0.78 18.86
N THR A 108 9.90 -1.44 18.17
CA THR A 108 9.83 -2.92 18.07
C THR A 108 10.86 -3.58 17.19
N TYR A 109 11.34 -2.87 16.17
CA TYR A 109 12.29 -3.39 15.18
C TYR A 109 13.55 -2.54 15.05
N GLY A 110 14.21 -2.29 16.17
CA GLY A 110 15.46 -1.53 16.13
C GLY A 110 16.61 -2.48 15.89
N SER A 111 17.80 -1.96 15.61
CA SER A 111 19.01 -2.78 15.75
C SER A 111 19.05 -3.22 17.23
N GLU A 112 18.84 -4.52 17.43
CA GLU A 112 18.52 -5.15 18.72
C GLU A 112 17.47 -6.26 18.49
N SER A 113 16.76 -6.13 17.36
CA SER A 113 15.73 -7.05 16.84
C SER A 113 16.39 -7.91 15.77
N SER A 114 15.96 -9.16 15.67
CA SER A 114 16.48 -10.04 14.61
C SER A 114 15.79 -9.70 13.27
N VAL A 115 14.59 -9.11 13.34
CA VAL A 115 13.85 -8.70 12.13
C VAL A 115 14.03 -7.20 11.91
N GLN A 116 14.44 -6.82 10.69
CA GLN A 116 14.72 -5.42 10.32
C GLN A 116 13.76 -4.92 9.21
N ILE A 117 13.38 -3.63 9.25
CA ILE A 117 12.34 -3.15 8.33
C ILE A 117 12.98 -2.75 7.02
N ASN A 118 12.48 -3.22 5.87
CA ASN A 118 13.00 -2.66 4.59
C ASN A 118 12.15 -1.46 4.13
N ARG A 119 10.99 -1.73 3.53
CA ARG A 119 10.08 -0.66 3.05
C ARG A 119 8.79 -0.70 3.81
N ILE A 120 8.16 0.48 3.93
CA ILE A 120 6.87 0.62 4.60
C ILE A 120 5.81 1.00 3.54
N PHE A 121 4.71 0.24 3.50
CA PHE A 121 3.59 0.42 2.56
C PHE A 121 2.34 0.76 3.31
N VAL A 122 1.58 1.73 2.77
CA VAL A 122 0.17 1.94 3.18
C VAL A 122 -0.74 1.31 2.13
N ILE A 123 -1.56 0.34 2.57
CA ILE A 123 -2.33 -0.49 1.64
C ILE A 123 -3.81 -0.22 1.67
N GLY A 124 -4.15 0.79 2.46
CA GLY A 124 -5.47 1.39 2.31
C GLY A 124 -6.33 1.36 3.52
N GLY A 125 -7.60 1.43 3.19
CA GLY A 125 -8.53 2.33 3.65
C GLY A 125 -8.47 3.65 2.91
N ALA A 126 -9.57 4.11 2.31
CA ALA A 126 -9.71 5.54 1.93
C ALA A 126 -9.29 6.45 3.09
N GLN A 127 -9.68 6.12 4.31
CA GLN A 127 -9.39 7.08 5.42
C GLN A 127 -7.89 7.06 5.74
N LEU A 128 -7.25 5.87 5.71
CA LEU A 128 -5.78 5.82 5.92
C LEU A 128 -4.99 6.45 4.75
N TYR A 129 -5.50 6.25 3.53
CA TYR A 129 -4.92 6.84 2.36
C TYR A 129 -4.94 8.32 2.55
N LYS A 130 -5.96 8.82 3.25
CA LYS A 130 -6.08 10.27 3.39
C LYS A 130 -5.00 10.78 4.27
N ALA A 131 -4.80 10.13 5.41
CA ALA A 131 -3.70 10.43 6.32
C ALA A 131 -2.33 10.29 5.60
N ALA A 132 -2.20 9.28 4.77
CA ALA A 132 -0.88 9.09 4.10
C ALA A 132 -0.59 10.25 3.12
N MET A 133 -1.58 10.63 2.36
CA MET A 133 -1.44 11.74 1.39
C MET A 133 -1.08 13.09 2.05
N ASP A 134 -1.51 13.27 3.30
CA ASP A 134 -1.14 14.43 4.16
C ASP A 134 0.21 14.26 4.89
N HIS A 135 0.78 13.07 4.88
CA HIS A 135 2.01 12.81 5.63
C HIS A 135 3.24 13.29 4.85
N PRO A 136 4.19 13.97 5.54
CA PRO A 136 5.30 14.60 4.83
C PRO A 136 6.29 13.53 4.35
N LYS A 137 6.13 12.30 4.78
CA LYS A 137 7.04 11.24 4.30
C LYS A 137 6.53 10.41 3.13
N LEU A 138 5.27 10.60 2.73
CA LEU A 138 4.74 9.80 1.62
C LEU A 138 5.31 10.36 0.32
N ASP A 139 5.98 9.56 -0.49
CA ASP A 139 6.55 10.15 -1.68
C ASP A 139 6.29 9.30 -2.95
N ARG A 140 5.47 8.26 -2.82
CA ARG A 140 5.39 7.31 -3.91
C ARG A 140 4.05 6.63 -3.82
N ILE A 141 3.38 6.58 -4.96
CA ILE A 141 2.11 5.85 -5.19
C ILE A 141 2.29 4.75 -6.26
N MET A 142 2.09 3.47 -5.85
CA MET A 142 2.10 2.35 -6.83
C MET A 142 0.61 2.21 -7.20
N ALA A 143 0.23 2.67 -8.40
CA ALA A 143 -1.23 2.71 -8.73
C ALA A 143 -1.52 1.75 -9.81
N THR A 144 -2.55 0.94 -9.61
CA THR A 144 -3.12 0.16 -10.71
C THR A 144 -4.34 0.83 -11.24
N ILE A 145 -4.29 1.30 -12.48
CA ILE A 145 -5.36 2.09 -13.03
C ILE A 145 -6.34 1.17 -13.77
N ILE A 146 -7.60 1.24 -13.36
CA ILE A 146 -8.64 0.35 -13.89
C ILE A 146 -9.48 1.17 -14.83
N TYR A 147 -9.42 0.80 -16.10
CA TYR A 147 -10.03 1.60 -17.14
C TYR A 147 -11.48 1.19 -17.29
N LYS A 148 -12.21 1.27 -16.18
CA LYS A 148 -13.68 1.14 -16.21
C LYS A 148 -14.26 1.89 -15.03
N ASP A 149 -15.40 2.56 -15.25
CA ASP A 149 -16.00 3.38 -14.17
C ASP A 149 -16.94 2.48 -13.37
N ILE A 150 -16.35 1.47 -12.76
CA ILE A 150 -17.04 0.45 -11.98
C ILE A 150 -17.71 1.20 -10.83
N HIS A 151 -18.96 0.82 -10.52
CA HIS A 151 -19.66 1.52 -9.45
C HIS A 151 -18.96 1.23 -8.13
N CYS A 152 -18.55 2.31 -7.46
CA CYS A 152 -17.92 2.19 -6.16
C CYS A 152 -18.70 3.07 -5.17
N ASP A 153 -18.47 2.87 -3.88
CA ASP A 153 -18.97 3.83 -2.88
C ASP A 153 -17.87 4.35 -1.93
N VAL A 154 -16.63 4.07 -2.28
CA VAL A 154 -15.47 4.57 -1.51
C VAL A 154 -14.44 5.01 -2.52
N PHE A 155 -13.88 6.19 -2.30
CA PHE A 155 -13.06 6.81 -3.32
C PHE A 155 -11.68 7.16 -2.79
N PHE A 156 -10.65 7.08 -3.64
CA PHE A 156 -9.33 7.57 -3.21
C PHE A 156 -9.41 9.08 -2.99
N PRO A 157 -8.85 9.62 -1.88
CA PRO A 157 -9.20 11.00 -1.42
C PRO A 157 -8.59 12.21 -2.16
N LEU A 158 -7.60 11.98 -3.04
CA LEU A 158 -6.87 13.08 -3.72
C LEU A 158 -6.70 12.72 -5.19
N LYS A 159 -7.06 13.62 -6.10
CA LYS A 159 -7.03 13.28 -7.52
C LYS A 159 -5.63 13.41 -8.14
N PHE A 160 -4.76 12.47 -7.78
CA PHE A 160 -3.33 12.68 -7.99
C PHE A 160 -2.92 12.52 -9.46
N ARG A 161 -3.82 11.96 -10.30
CA ARG A 161 -3.48 11.79 -11.70
C ARG A 161 -3.98 12.97 -12.55
N ASP A 162 -4.65 13.92 -11.89
CA ASP A 162 -5.36 15.00 -12.59
C ASP A 162 -4.45 16.24 -12.68
N LYS A 163 -4.82 17.09 -13.62
CA LYS A 163 -4.05 18.32 -13.96
C LYS A 163 -3.77 19.15 -12.73
N GLU A 164 -4.74 19.27 -11.80
CA GLU A 164 -4.52 20.18 -10.66
C GLU A 164 -3.37 19.72 -9.75
N TRP A 165 -2.98 18.44 -9.80
CA TRP A 165 -1.97 17.92 -8.92
C TRP A 165 -0.71 17.53 -9.71
N SER A 166 -0.59 17.96 -10.95
CA SER A 166 0.43 17.43 -11.83
C SER A 166 1.79 18.17 -11.68
N SER A 167 1.83 19.27 -10.94
CA SER A 167 3.19 19.82 -10.68
C SER A 167 3.80 19.13 -9.45
N VAL A 168 2.97 18.47 -8.64
CA VAL A 168 3.40 17.77 -7.40
C VAL A 168 3.65 16.29 -7.74
N TRP A 169 2.67 15.64 -8.33
CA TRP A 169 2.79 14.21 -8.62
C TRP A 169 3.10 13.93 -10.07
N LYS A 170 4.10 13.08 -10.29
CA LYS A 170 4.64 12.78 -11.63
C LYS A 170 4.68 11.30 -11.86
N LYS A 171 4.21 10.83 -13.03
CA LYS A 171 4.23 9.43 -13.30
C LYS A 171 5.64 9.07 -13.82
N GLU A 172 6.20 8.02 -13.29
CA GLU A 172 7.55 7.61 -13.66
C GLU A 172 7.58 6.70 -14.89
N LYS A 173 8.71 6.67 -15.63
CA LYS A 173 8.90 5.65 -16.71
C LYS A 173 8.75 4.25 -16.20
N HIS A 174 8.32 3.36 -17.09
CA HIS A 174 8.08 1.97 -16.70
C HIS A 174 9.34 1.23 -16.22
N SER A 175 10.50 1.49 -16.88
CA SER A 175 11.79 0.94 -16.43
C SER A 175 12.06 1.39 -14.99
N ASP A 176 11.58 2.57 -14.62
CA ASP A 176 11.85 3.04 -13.27
C ASP A 176 10.98 2.36 -12.25
N LEU A 177 9.72 2.12 -12.65
CA LEU A 177 8.85 1.25 -11.91
C LEU A 177 9.48 -0.13 -11.67
N GLU A 178 9.82 -0.81 -12.75
CA GLU A 178 10.58 -2.11 -12.69
C GLU A 178 11.85 -2.05 -11.83
N SER A 179 12.68 -1.02 -11.96
CA SER A 179 13.86 -0.83 -11.10
C SER A 179 13.42 -0.85 -9.62
N TRP A 180 12.53 0.07 -9.26
CA TRP A 180 12.01 0.15 -7.88
C TRP A 180 11.44 -1.18 -7.35
N VAL A 181 10.57 -1.82 -8.13
CA VAL A 181 9.85 -3.09 -7.86
C VAL A 181 10.81 -4.34 -7.93
N GLY A 182 11.97 -4.23 -8.58
CA GLY A 182 12.91 -5.38 -8.65
C GLY A 182 12.52 -6.57 -9.53
N THR A 183 11.78 -6.31 -10.60
CA THR A 183 11.46 -7.30 -11.65
C THR A 183 10.74 -6.64 -12.76
N LYS A 184 10.69 -7.36 -13.88
CA LYS A 184 9.87 -7.03 -15.03
C LYS A 184 8.43 -7.05 -14.59
N VAL A 185 7.71 -6.05 -15.11
CA VAL A 185 6.34 -5.84 -14.76
C VAL A 185 5.73 -5.68 -16.09
N PRO A 186 4.55 -6.28 -16.24
CA PRO A 186 3.72 -6.13 -17.40
C PRO A 186 3.67 -4.65 -17.72
N HIS A 187 3.95 -4.34 -18.99
CA HIS A 187 4.00 -2.96 -19.45
C HIS A 187 2.76 -2.73 -20.27
N GLY A 188 1.92 -1.77 -19.90
CA GLY A 188 0.73 -1.48 -20.67
C GLY A 188 -0.46 -2.32 -20.25
N LYS A 189 -1.46 -2.40 -21.11
CA LYS A 189 -2.79 -2.86 -20.69
C LYS A 189 -2.92 -4.34 -20.51
N ILE A 190 -3.51 -4.73 -19.39
CA ILE A 190 -3.72 -6.10 -19.02
C ILE A 190 -5.24 -6.28 -18.98
N ASN A 191 -5.71 -7.42 -19.48
CA ASN A 191 -7.14 -7.71 -19.43
C ASN A 191 -7.34 -9.02 -18.68
N GLU A 192 -8.07 -8.92 -17.58
CA GLU A 192 -8.42 -10.04 -16.73
C GLU A 192 -9.86 -9.69 -16.35
N ASP A 193 -10.80 -10.50 -16.83
CA ASP A 193 -12.24 -10.42 -16.47
C ASP A 193 -13.03 -9.11 -16.72
N GLY A 194 -13.06 -8.65 -17.97
CA GLY A 194 -13.99 -7.62 -18.41
C GLY A 194 -13.40 -6.30 -18.87
N PHE A 195 -12.25 -5.93 -18.29
CA PHE A 195 -11.72 -4.58 -18.47
C PHE A 195 -10.20 -4.57 -18.43
N ASP A 196 -9.66 -3.47 -18.94
CA ASP A 196 -8.26 -3.26 -19.05
C ASP A 196 -7.78 -2.58 -17.76
N TYR A 197 -6.58 -2.95 -17.32
CA TYR A 197 -5.89 -2.17 -16.29
C TYR A 197 -4.40 -2.05 -16.60
N GLU A 198 -3.75 -1.15 -15.89
CA GLU A 198 -2.26 -1.08 -16.06
C GLU A 198 -1.60 -0.59 -14.82
N PHE A 199 -0.34 -1.00 -14.68
CA PHE A 199 0.48 -0.61 -13.50
C PHE A 199 1.21 0.71 -13.71
N GLU A 200 1.08 1.62 -12.73
CA GLU A 200 1.78 2.91 -12.78
C GLU A 200 2.54 3.19 -11.50
N MET A 201 3.57 4.00 -11.63
CA MET A 201 4.21 4.50 -10.44
C MET A 201 4.38 6.01 -10.52
N TRP A 202 3.86 6.68 -9.49
CA TRP A 202 3.86 8.14 -9.35
C TRP A 202 4.71 8.55 -8.17
N THR A 203 5.45 9.64 -8.33
CA THR A 203 6.21 10.15 -7.21
C THR A 203 6.01 11.64 -7.02
N ARG A 204 6.41 12.09 -5.83
CA ARG A 204 6.51 13.48 -5.54
C ARG A 204 7.77 13.76 -4.74
N ASP A 205 8.27 14.96 -4.83
CA ASP A 205 9.45 15.36 -4.03
C ASP A 205 9.03 15.61 -2.60
N LEU A 206 9.80 15.08 -1.67
CA LEU A 206 9.58 15.43 -0.28
C LEU A 206 9.96 16.89 0.00
PA NDP B . -10.09 2.10 6.16
O1A NDP B . -9.53 0.75 5.88
O2A NDP B . -9.23 3.32 5.95
O5B NDP B . -10.80 2.41 7.60
C5B NDP B . -10.82 1.51 8.59
C4B NDP B . -10.60 2.18 9.95
O4B NDP B . -9.14 2.25 10.17
C3B NDP B . -11.12 3.56 10.45
O3B NDP B . -12.51 3.60 10.75
C2B NDP B . -10.38 3.17 11.72
O2B NDP B . -10.64 3.89 12.87
C1B NDP B . -8.93 3.19 11.22
N9A NDP B . -8.24 4.44 10.70
C8A NDP B . -8.05 4.80 9.41
N7A NDP B . -7.37 5.96 9.34
C5A NDP B . -7.12 6.34 10.60
C6A NDP B . -6.45 7.45 11.18
N6A NDP B . -5.91 8.41 10.41
N1A NDP B . -6.36 7.51 12.54
C2A NDP B . -6.88 6.57 13.30
N3A NDP B . -7.52 5.50 12.81
C4A NDP B . -7.65 5.37 11.46
O3 NDP B . -11.55 2.06 5.46
PN NDP B . -12.26 2.99 4.35
O1N NDP B . -11.70 4.36 4.32
O2N NDP B . -13.72 2.87 4.66
O5D NDP B . -11.94 2.11 3.04
C5D NDP B . -12.11 0.67 3.07
C4D NDP B . -12.61 0.25 1.69
O4D NDP B . -11.37 0.47 0.90
C3D NDP B . -13.01 -1.25 1.54
O3D NDP B . -14.00 -1.35 0.48
C2D NDP B . -11.75 -1.93 1.06
O2D NDP B . -12.10 -3.14 0.28
C1D NDP B . -11.15 -0.80 0.16
N1N NDP B . -9.72 -0.92 -0.25
C2N NDP B . -9.40 -0.81 -1.62
C3N NDP B . -8.04 -0.92 -1.97
C7N NDP B . -7.63 -0.84 -3.45
O7N NDP B . -6.43 -0.96 -3.70
N7N NDP B . -8.63 -0.87 -4.33
C4N NDP B . -7.06 -1.15 -1.02
C5N NDP B . -7.36 -1.26 0.32
C6N NDP B . -8.68 -1.13 0.72
P2B NDP B . -11.76 3.21 13.96
O1X NDP B . -11.67 4.46 15.02
O2X NDP B . -11.24 1.73 14.48
O3X NDP B . -13.09 3.10 13.29
N1 D2K C . -3.39 -2.36 -3.82
C2 D2K C . -3.55 -3.06 -4.93
N3 D2K C . -4.20 -4.19 -4.94
C4 D2K C . -4.69 -4.69 -3.84
C5 D2K C . -4.51 -4.02 -2.63
C6 D2K C . -3.80 -2.80 -2.67
CAA D2K C . -1.63 -16.34 -1.34
CAB D2K C . -8.68 -5.43 0.20
CAC D2K C . -4.90 -3.99 -0.10
NAD D2K C . -3.09 -2.59 -6.06
NAE D2K C . -3.60 -2.06 -1.62
OAF D2K C . -3.44 -14.44 -3.51
CAG D2K C . -8.73 -9.94 -1.03
CAH D2K C . -9.32 -8.74 -0.86
CAI D2K C . -5.80 -6.39 -2.80
CAJ D2K C . -6.61 -8.90 -0.74
CAK D2K C . -2.59 -16.34 -2.53
CAL D2K C . -5.03 -12.82 -0.96
CAM D2K C . -5.39 -11.33 -1.12
CAN D2K C . -3.63 -13.18 -1.43
CAO D2K C . -6.28 -6.49 -0.30
NAP D2K C . -5.32 -5.83 -3.89
OAS D2K C . -9.31 -6.49 -0.45
OAT D2K C . -3.54 -15.67 -1.79
OAU D2K C . -6.80 -11.22 -1.14
CAV D2K C . -3.56 -14.45 -2.30
CAX D2K C . -7.36 -10.02 -0.96
CAZ D2K C . -5.01 -4.62 -1.47
CBA D2K C . -5.68 -5.81 -1.55
CBB D2K C . -7.21 -7.67 -0.57
CBC D2K C . -8.59 -7.61 -0.62
CL CL D . -0.90 -10.75 -0.37
#